data_4S2I
#
_entry.id   4S2I
#
_cell.length_a   62.010
_cell.length_b   60.650
_cell.length_c   71.500
_cell.angle_alpha   90.00
_cell.angle_beta   104.00
_cell.angle_gamma   90.00
#
_symmetry.space_group_name_H-M   'P 1 21 1'
#
loop_
_entity.id
_entity.type
_entity.pdbx_description
1 polymer Beta-lactamase
2 non-polymer (2S,5R)-1-formyl-5-[(sulfooxy)amino]piperidine-2-carboxamide
3 water water
#
_entity_poly.entity_id   1
_entity_poly.type   'polypeptide(L)'
_entity_poly.pdbx_seq_one_letter_code
;QTADVQQKLAELERQSGGRLGVALINTADNSQILYRADERFAMCSTSKVMAAAAVLKKSESEPNLLNQRVEIKKSDLVNY
NPIAEKHVNGTMSLAELSAAALQYSDNVAMNKLIAHVGGPASVTAFARQLGDETFRLDRTEPTLNTAIPGDPRDTTSPRA
MAQTLRNLTLGKALGDSQRAQLVTWMKGNTTGAASIQAGLPASWVVGDKTGSGGYGTTNDIAVIWPKDRAPLILVTYFTQ
PQPKAESRRDVLASAAKIVTDGL
;
_entity_poly.pdbx_strand_id   A,B
#
# COMPACT_ATOMS: atom_id res chain seq x y z
N ALA A 3 -12.13 15.43 -7.36
CA ALA A 3 -13.59 15.29 -7.51
C ALA A 3 -14.30 15.03 -6.17
N ASP A 4 -15.64 15.21 -6.17
CA ASP A 4 -16.50 14.91 -5.03
C ASP A 4 -16.40 13.39 -4.75
N VAL A 5 -16.38 12.57 -5.82
CA VAL A 5 -16.29 11.10 -5.71
C VAL A 5 -14.94 10.76 -5.07
N GLN A 6 -13.90 11.52 -5.43
CA GLN A 6 -12.56 11.29 -4.89
C GLN A 6 -12.50 11.53 -3.43
N GLN A 7 -13.05 12.67 -2.95
CA GLN A 7 -13.09 12.99 -1.53
C GLN A 7 -13.91 11.92 -0.79
N LYS A 8 -15.01 11.45 -1.40
CA LYS A 8 -15.84 10.41 -0.79
C LYS A 8 -15.11 9.10 -0.68
N LEU A 9 -14.32 8.73 -1.71
CA LEU A 9 -13.57 7.46 -1.62
C LEU A 9 -12.43 7.61 -0.62
N ALA A 10 -11.79 8.79 -0.63
CA ALA A 10 -10.71 9.11 0.30
C ALA A 10 -11.20 8.99 1.74
N GLU A 11 -12.41 9.51 2.02
CA GLU A 11 -13.03 9.50 3.35
C GLU A 11 -13.46 8.11 3.74
N LEU A 12 -14.02 7.35 2.78
CA LEU A 12 -14.40 5.98 3.04
C LEU A 12 -13.13 5.23 3.48
N GLU A 13 -12.05 5.39 2.71
CA GLU A 13 -10.81 4.74 3.05
C GLU A 13 -10.32 5.19 4.42
N ARG A 14 -10.27 6.50 4.66
CA ARG A 14 -9.79 7.01 5.93
C ARG A 14 -10.57 6.40 7.10
N GLN A 15 -11.92 6.44 7.03
CA GLN A 15 -12.76 5.91 8.10
C GLN A 15 -12.56 4.42 8.32
N SER A 16 -12.27 3.66 7.24
CA SER A 16 -12.12 2.22 7.32
C SER A 16 -10.82 1.78 8.02
N GLY A 17 -9.81 2.63 7.98
CA GLY A 17 -8.49 2.32 8.53
C GLY A 17 -7.69 1.42 7.60
N GLY A 18 -8.29 1.05 6.48
CA GLY A 18 -7.66 0.15 5.51
C GLY A 18 -7.14 0.84 4.28
N ARG A 19 -6.86 0.03 3.27
CA ARG A 19 -6.31 0.45 2.00
C ARG A 19 -7.30 0.03 0.94
N LEU A 20 -7.89 1.02 0.27
CA LEU A 20 -8.93 0.84 -0.72
C LEU A 20 -8.38 1.09 -2.13
N GLY A 21 -8.73 0.21 -3.06
CA GLY A 21 -8.34 0.39 -4.45
C GLY A 21 -9.59 0.30 -5.27
N VAL A 22 -9.84 1.30 -6.09
CA VAL A 22 -11.05 1.30 -6.90
C VAL A 22 -10.71 1.65 -8.32
N ALA A 23 -11.32 0.92 -9.23
CA ALA A 23 -11.27 1.33 -10.60
C ALA A 23 -12.65 1.08 -11.22
N LEU A 24 -13.21 2.11 -11.76
CA LEU A 24 -14.47 2.01 -12.43
C LEU A 24 -14.31 2.50 -13.84
N ILE A 25 -14.89 1.78 -14.77
CA ILE A 25 -14.95 2.24 -16.10
C ILE A 25 -16.43 2.41 -16.42
N ASN A 26 -16.79 3.58 -16.90
CA ASN A 26 -18.18 3.78 -17.28
C ASN A 26 -18.21 3.72 -18.81
N THR A 27 -18.78 2.64 -19.39
CA THR A 27 -18.73 2.52 -20.86
C THR A 27 -19.59 3.55 -21.58
N ALA A 28 -20.50 4.23 -20.86
CA ALA A 28 -21.37 5.26 -21.43
C ALA A 28 -20.57 6.39 -22.05
N ASP A 29 -19.46 6.76 -21.41
CA ASP A 29 -18.63 7.87 -21.91
C ASP A 29 -17.13 7.53 -21.88
N ASN A 30 -16.81 6.26 -21.55
CA ASN A 30 -15.48 5.69 -21.46
C ASN A 30 -14.68 6.35 -20.34
N SER A 31 -15.38 6.97 -19.37
CA SER A 31 -14.75 7.64 -18.25
C SER A 31 -14.35 6.63 -17.19
N GLN A 32 -13.41 7.05 -16.35
CA GLN A 32 -12.94 6.19 -15.30
C GLN A 32 -12.93 6.94 -13.98
N ILE A 33 -13.10 6.19 -12.89
CA ILE A 33 -12.96 6.69 -11.52
C ILE A 33 -11.90 5.80 -10.93
N LEU A 34 -10.81 6.39 -10.47
CA LEU A 34 -9.66 5.65 -9.99
C LEU A 34 -9.27 6.09 -8.62
N TYR A 35 -9.01 5.14 -7.72
CA TYR A 35 -8.54 5.44 -6.39
C TYR A 35 -7.51 4.38 -6.04
N ARG A 36 -6.23 4.79 -5.87
CA ARG A 36 -5.09 3.86 -5.64
C ARG A 36 -5.11 2.78 -6.75
N ALA A 37 -5.56 3.20 -7.95
CA ALA A 37 -5.79 2.27 -9.04
C ALA A 37 -4.58 1.60 -9.61
N ASP A 38 -3.39 2.13 -9.33
CA ASP A 38 -2.15 1.50 -9.77
C ASP A 38 -1.44 0.78 -8.67
N GLU A 39 -2.05 0.74 -7.46
CA GLU A 39 -1.40 0.02 -6.38
C GLU A 39 -1.72 -1.45 -6.52
N ARG A 40 -0.80 -2.30 -6.09
CA ARG A 40 -1.07 -3.72 -6.11
C ARG A 40 -1.91 -4.14 -4.92
N PHE A 41 -2.84 -5.06 -5.16
CA PHE A 41 -3.66 -5.66 -4.12
C PHE A 41 -3.69 -7.12 -4.41
N ALA A 42 -3.73 -7.93 -3.34
CA ALA A 42 -3.88 -9.36 -3.47
C ALA A 42 -5.25 -9.64 -4.01
N MET A 43 -5.31 -10.35 -5.14
CA MET A 43 -6.59 -10.59 -5.80
C MET A 43 -7.47 -11.56 -5.07
N CYS A 44 -6.85 -12.51 -4.35
CA CYS A 44 -7.60 -13.58 -3.73
C CYS A 44 -8.51 -14.24 -4.75
N SER A 45 -9.74 -14.61 -4.40
CA SER A 45 -10.60 -15.32 -5.34
C SER A 45 -10.95 -14.55 -6.57
N THR A 46 -10.68 -13.24 -6.63
CA THR A 46 -11.00 -12.53 -7.88
C THR A 46 -10.10 -12.96 -9.02
N SER A 47 -8.96 -13.63 -8.70
CA SER A 47 -8.06 -14.15 -9.72
C SER A 47 -8.73 -15.28 -10.48
N LYS A 48 -9.84 -15.82 -9.93
CA LYS A 48 -10.55 -16.92 -10.58
C LYS A 48 -11.08 -16.58 -11.95
N VAL A 49 -11.43 -15.31 -12.15
CA VAL A 49 -11.90 -14.87 -13.46
C VAL A 49 -10.81 -15.06 -14.51
N MET A 50 -9.57 -14.68 -14.16
CA MET A 50 -8.49 -14.81 -15.13
C MET A 50 -8.23 -16.28 -15.44
N ALA A 51 -8.28 -17.13 -14.42
CA ALA A 51 -8.03 -18.56 -14.67
C ALA A 51 -9.14 -19.18 -15.53
N ALA A 52 -10.41 -18.87 -15.22
CA ALA A 52 -11.52 -19.40 -16.00
C ALA A 52 -11.43 -18.86 -17.43
N ALA A 53 -11.04 -17.58 -17.59
CA ALA A 53 -10.94 -16.97 -18.91
C ALA A 53 -9.80 -17.62 -19.72
N ALA A 54 -8.71 -18.02 -19.03
CA ALA A 54 -7.56 -18.67 -19.69
C ALA A 54 -8.03 -19.98 -20.31
N VAL A 55 -8.86 -20.71 -19.56
CA VAL A 55 -9.43 -21.99 -20.01
C VAL A 55 -10.40 -21.70 -21.15
N LEU A 56 -11.21 -20.64 -21.05
CA LEU A 56 -12.10 -20.27 -22.14
C LEU A 56 -11.32 -19.98 -23.40
N LYS A 57 -10.21 -19.25 -23.29
CA LYS A 57 -9.37 -18.94 -24.43
C LYS A 57 -8.80 -20.20 -25.02
N LYS A 58 -8.28 -21.09 -24.16
CA LYS A 58 -7.72 -22.36 -24.62
C LYS A 58 -8.79 -23.14 -25.42
N SER A 59 -10.06 -23.11 -24.97
CA SER A 59 -11.19 -23.82 -25.62
C SER A 59 -11.55 -23.32 -27.03
N GLU A 60 -11.09 -22.11 -27.41
CA GLU A 60 -11.34 -21.56 -28.75
C GLU A 60 -10.59 -22.34 -29.82
N SER A 61 -9.43 -22.91 -29.46
CA SER A 61 -8.59 -23.67 -30.40
C SER A 61 -8.57 -25.16 -30.06
N GLU A 62 -9.20 -25.54 -28.94
CA GLU A 62 -9.24 -26.94 -28.52
C GLU A 62 -10.69 -27.31 -28.40
N PRO A 63 -11.30 -27.77 -29.51
CA PRO A 63 -12.73 -28.12 -29.45
C PRO A 63 -13.02 -29.18 -28.39
N ASN A 64 -14.17 -29.02 -27.70
CA ASN A 64 -14.69 -29.87 -26.63
C ASN A 64 -13.93 -29.76 -25.32
N LEU A 65 -13.02 -28.77 -25.22
CA LEU A 65 -12.22 -28.60 -24.01
C LEU A 65 -13.03 -28.53 -22.72
N LEU A 66 -14.11 -27.74 -22.70
CA LEU A 66 -14.95 -27.57 -21.50
C LEU A 66 -15.61 -28.85 -21.01
N ASN A 67 -15.69 -29.87 -21.88
CA ASN A 67 -16.26 -31.16 -21.56
C ASN A 67 -15.19 -32.09 -20.97
N GLN A 68 -13.90 -31.71 -21.05
CA GLN A 68 -12.79 -32.52 -20.51
C GLN A 68 -12.99 -32.71 -19.01
N ARG A 69 -12.84 -33.96 -18.56
CA ARG A 69 -13.05 -34.42 -17.20
C ARG A 69 -11.81 -34.28 -16.37
N VAL A 70 -11.99 -33.89 -15.10
CA VAL A 70 -10.88 -33.76 -14.16
C VAL A 70 -11.26 -34.51 -12.91
N GLU A 71 -10.36 -35.39 -12.46
CA GLU A 71 -10.58 -36.17 -11.27
C GLU A 71 -10.47 -35.29 -10.01
N ILE A 72 -11.41 -35.50 -9.07
CA ILE A 72 -11.39 -34.79 -7.79
C ILE A 72 -11.02 -35.83 -6.73
N LYS A 73 -9.97 -35.57 -5.98
CA LYS A 73 -9.55 -36.48 -4.92
C LYS A 73 -9.80 -35.80 -3.58
N LYS A 74 -10.01 -36.59 -2.52
CA LYS A 74 -10.17 -36.01 -1.20
C LYS A 74 -8.94 -35.19 -0.85
N SER A 75 -7.73 -35.70 -1.22
CA SER A 75 -6.47 -34.98 -0.95
C SER A 75 -6.36 -33.65 -1.69
N ASP A 76 -7.21 -33.41 -2.71
CA ASP A 76 -7.24 -32.11 -3.40
C ASP A 76 -7.94 -31.06 -2.58
N LEU A 77 -8.76 -31.48 -1.61
CA LEU A 77 -9.54 -30.52 -0.84
C LEU A 77 -8.69 -29.58 -0.07
N VAL A 78 -9.07 -28.31 -0.08
CA VAL A 78 -8.33 -27.27 0.61
C VAL A 78 -9.21 -26.60 1.67
N ASN A 79 -9.18 -25.27 1.79
CA ASN A 79 -9.92 -24.56 2.82
C ASN A 79 -11.38 -24.28 2.48
N TYR A 80 -11.70 -24.25 1.18
CA TYR A 80 -13.03 -23.85 0.75
C TYR A 80 -13.33 -24.45 -0.59
N ASN A 81 -14.24 -25.40 -0.62
CA ASN A 81 -14.57 -26.08 -1.87
C ASN A 81 -15.92 -26.77 -1.71
N PRO A 82 -16.98 -25.95 -1.68
CA PRO A 82 -18.34 -26.48 -1.52
C PRO A 82 -18.83 -27.36 -2.66
N ILE A 83 -18.25 -27.20 -3.86
CA ILE A 83 -18.69 -27.98 -5.00
C ILE A 83 -17.83 -29.19 -5.16
N ALA A 84 -16.51 -29.00 -5.19
CA ALA A 84 -15.61 -30.13 -5.39
C ALA A 84 -15.75 -31.22 -4.35
N GLU A 85 -16.11 -30.85 -3.10
CA GLU A 85 -16.25 -31.84 -2.02
C GLU A 85 -17.40 -32.77 -2.25
N LYS A 86 -18.32 -32.39 -3.14
CA LYS A 86 -19.46 -33.23 -3.47
C LYS A 86 -19.07 -34.25 -4.55
N HIS A 87 -17.87 -34.11 -5.14
CA HIS A 87 -17.46 -34.96 -6.26
C HIS A 87 -16.17 -35.70 -6.02
N VAL A 88 -15.84 -35.92 -4.74
CA VAL A 88 -14.63 -36.64 -4.35
C VAL A 88 -14.74 -38.05 -4.95
N ASN A 89 -13.70 -38.46 -5.69
CA ASN A 89 -13.60 -39.75 -6.39
C ASN A 89 -14.48 -39.82 -7.64
N GLY A 90 -14.93 -38.66 -8.07
CA GLY A 90 -15.67 -38.47 -9.31
C GLY A 90 -14.87 -37.50 -10.16
N THR A 91 -15.38 -37.20 -11.35
CA THR A 91 -14.74 -36.22 -12.23
C THR A 91 -15.67 -35.07 -12.43
N MET A 92 -15.10 -33.89 -12.66
CA MET A 92 -15.87 -32.67 -12.97
C MET A 92 -15.37 -32.19 -14.33
N SER A 93 -16.27 -31.66 -15.17
CA SER A 93 -15.82 -31.16 -16.46
C SER A 93 -15.17 -29.79 -16.21
N LEU A 94 -14.36 -29.31 -17.17
CA LEU A 94 -13.76 -27.99 -17.03
C LEU A 94 -14.84 -26.90 -16.99
N ALA A 95 -16.01 -27.14 -17.63
CA ALA A 95 -17.13 -26.21 -17.56
C ALA A 95 -17.67 -26.20 -16.11
N GLU A 96 -17.83 -27.37 -15.49
CA GLU A 96 -18.32 -27.46 -14.12
C GLU A 96 -17.34 -26.83 -13.16
N LEU A 97 -16.04 -27.00 -13.44
CA LEU A 97 -15.01 -26.41 -12.59
C LEU A 97 -15.02 -24.89 -12.69
N SER A 98 -15.17 -24.38 -13.90
CA SER A 98 -15.24 -22.95 -14.13
C SER A 98 -16.45 -22.38 -13.44
N ALA A 99 -17.61 -23.05 -13.58
CA ALA A 99 -18.80 -22.56 -12.90
C ALA A 99 -18.65 -22.62 -11.37
N ALA A 100 -18.07 -23.70 -10.83
CA ALA A 100 -17.90 -23.78 -9.39
C ALA A 100 -16.95 -22.69 -8.89
N ALA A 101 -15.86 -22.47 -9.63
CA ALA A 101 -14.86 -21.49 -9.24
C ALA A 101 -15.48 -20.10 -9.25
N LEU A 102 -16.22 -19.78 -10.32
CA LEU A 102 -16.76 -18.43 -10.48
C LEU A 102 -17.97 -18.14 -9.67
N GLN A 103 -18.86 -19.11 -9.52
CA GLN A 103 -20.15 -18.89 -8.88
C GLN A 103 -20.23 -19.25 -7.41
N TYR A 104 -19.38 -20.18 -6.97
CA TYR A 104 -19.34 -20.61 -5.56
C TYR A 104 -17.98 -20.36 -4.95
N SER A 105 -17.04 -19.88 -5.76
CA SER A 105 -15.68 -19.61 -5.33
C SER A 105 -15.04 -20.85 -4.76
N ASP A 106 -15.23 -21.96 -5.50
CA ASP A 106 -14.64 -23.21 -5.08
C ASP A 106 -13.12 -23.18 -5.35
N ASN A 107 -12.31 -23.32 -4.30
CA ASN A 107 -10.86 -23.24 -4.43
C ASN A 107 -10.24 -24.44 -5.13
N VAL A 108 -10.83 -25.62 -4.95
CA VAL A 108 -10.34 -26.81 -5.68
C VAL A 108 -10.58 -26.59 -7.17
N ALA A 109 -11.77 -26.09 -7.54
CA ALA A 109 -12.09 -25.76 -8.92
C ALA A 109 -11.02 -24.82 -9.51
N MET A 110 -10.69 -23.74 -8.78
CA MET A 110 -9.64 -22.81 -9.20
C MET A 110 -8.31 -23.58 -9.37
N ASN A 111 -7.95 -24.43 -8.39
CA ASN A 111 -6.71 -25.20 -8.56
C ASN A 111 -6.71 -26.04 -9.82
N LYS A 112 -7.86 -26.66 -10.15
CA LYS A 112 -7.91 -27.49 -11.38
C LYS A 112 -7.78 -26.60 -12.61
N LEU A 113 -8.36 -25.39 -12.58
CA LEU A 113 -8.23 -24.48 -13.71
C LEU A 113 -6.79 -24.06 -13.87
N ILE A 114 -6.15 -23.66 -12.75
CA ILE A 114 -4.73 -23.26 -12.75
C ILE A 114 -3.91 -24.42 -13.34
N ALA A 115 -4.06 -25.62 -12.78
CA ALA A 115 -3.31 -26.78 -13.24
C ALA A 115 -3.57 -27.07 -14.72
N HIS A 116 -4.84 -26.93 -15.16
CA HIS A 116 -5.15 -27.23 -16.56
C HIS A 116 -4.31 -26.40 -17.53
N VAL A 117 -4.18 -25.08 -17.24
CA VAL A 117 -3.44 -24.21 -18.14
C VAL A 117 -1.94 -24.31 -18.00
N GLY A 118 -1.48 -25.03 -16.98
CA GLY A 118 -0.05 -25.24 -16.77
C GLY A 118 0.54 -24.66 -15.50
N GLY A 119 -0.30 -24.06 -14.67
CA GLY A 119 0.16 -23.49 -13.41
C GLY A 119 -0.01 -22.00 -13.31
N PRO A 120 0.32 -21.42 -12.14
CA PRO A 120 0.12 -19.99 -11.93
C PRO A 120 0.79 -19.14 -13.00
N ALA A 121 2.04 -19.50 -13.37
CA ALA A 121 2.77 -18.76 -14.43
C ALA A 121 2.00 -18.77 -15.74
N SER A 122 1.29 -19.88 -16.05
CA SER A 122 0.52 -19.97 -17.28
C SER A 122 -0.70 -19.06 -17.26
N VAL A 123 -1.30 -18.87 -16.07
CA VAL A 123 -2.42 -17.93 -15.95
C VAL A 123 -1.88 -16.49 -16.20
N THR A 124 -0.69 -16.19 -15.62
CA THR A 124 -0.04 -14.90 -15.79
C THR A 124 0.27 -14.68 -17.28
N ALA A 125 0.77 -15.74 -17.97
CA ALA A 125 1.08 -15.63 -19.40
C ALA A 125 -0.17 -15.28 -20.19
N PHE A 126 -1.32 -15.87 -19.79
CA PHE A 126 -2.59 -15.56 -20.40
C PHE A 126 -2.94 -14.09 -20.21
N ALA A 127 -2.76 -13.54 -18.98
CA ALA A 127 -3.02 -12.11 -18.73
C ALA A 127 -2.14 -11.27 -19.66
N ARG A 128 -0.85 -11.66 -19.79
CA ARG A 128 0.08 -10.96 -20.66
C ARG A 128 -0.40 -10.96 -22.09
N GLN A 129 -0.97 -12.08 -22.56
CA GLN A 129 -1.48 -12.23 -23.93
C GLN A 129 -2.62 -11.22 -24.19
N LEU A 130 -3.36 -10.88 -23.14
CA LEU A 130 -4.44 -9.92 -23.26
C LEU A 130 -3.94 -8.52 -23.05
N GLY A 131 -2.65 -8.35 -22.87
CA GLY A 131 -2.11 -7.02 -22.68
C GLY A 131 -2.17 -6.48 -21.29
N ASP A 132 -2.41 -7.38 -20.34
CA ASP A 132 -2.40 -7.03 -18.93
C ASP A 132 -1.00 -7.35 -18.43
N GLU A 133 -0.20 -6.32 -18.14
CA GLU A 133 1.18 -6.47 -17.68
C GLU A 133 1.29 -6.41 -16.16
N THR A 134 0.13 -6.27 -15.48
CA THR A 134 0.12 -6.10 -14.03
C THR A 134 -0.21 -7.38 -13.30
N PHE A 135 -1.22 -8.08 -13.78
CA PHE A 135 -1.68 -9.30 -13.14
C PHE A 135 -0.55 -10.27 -12.97
N ARG A 136 -0.51 -10.91 -11.82
CA ARG A 136 0.44 -11.97 -11.62
C ARG A 136 -0.15 -13.00 -10.71
N LEU A 137 -0.16 -14.25 -11.16
CA LEU A 137 -0.61 -15.32 -10.31
C LEU A 137 0.65 -16.12 -10.05
N ASP A 138 0.95 -16.32 -8.77
CA ASP A 138 2.18 -16.94 -8.31
C ASP A 138 1.98 -18.24 -7.60
N ARG A 139 0.83 -18.37 -6.94
CA ARG A 139 0.58 -19.53 -6.11
C ARG A 139 -0.76 -20.13 -6.41
N THR A 140 -0.96 -21.33 -5.90
CA THR A 140 -2.24 -22.00 -6.06
C THR A 140 -3.08 -21.72 -4.80
N GLU A 141 -4.24 -22.37 -4.74
CA GLU A 141 -5.11 -22.27 -3.60
C GLU A 141 -4.61 -23.27 -2.58
N PRO A 142 -4.64 -22.89 -1.30
CA PRO A 142 -5.16 -21.65 -0.70
C PRO A 142 -4.16 -20.53 -0.43
N THR A 143 -2.85 -20.80 -0.61
CA THR A 143 -1.80 -19.85 -0.26
C THR A 143 -1.86 -18.55 -1.05
N LEU A 144 -2.49 -18.55 -2.23
CA LEU A 144 -2.60 -17.31 -3.01
C LEU A 144 -3.40 -16.19 -2.29
N ASN A 145 -4.07 -16.54 -1.16
CA ASN A 145 -4.91 -15.61 -0.40
C ASN A 145 -4.25 -14.99 0.83
N THR A 146 -2.94 -15.23 1.04
CA THR A 146 -2.25 -14.70 2.23
C THR A 146 -2.36 -13.20 2.33
N ALA A 147 -2.32 -12.51 1.16
CA ALA A 147 -2.55 -11.05 1.09
C ALA A 147 -1.70 -10.26 2.08
N ILE A 148 -0.42 -10.63 2.16
CA ILE A 148 0.50 -9.93 3.04
C ILE A 148 0.77 -8.53 2.49
N PRO A 149 0.58 -7.45 3.28
CA PRO A 149 0.88 -6.10 2.78
C PRO A 149 2.30 -6.03 2.25
N GLY A 150 2.43 -5.47 1.05
CA GLY A 150 3.72 -5.32 0.38
C GLY A 150 4.17 -6.51 -0.44
N ASP A 151 3.47 -7.63 -0.31
CA ASP A 151 3.81 -8.85 -1.07
C ASP A 151 3.22 -8.77 -2.47
N PRO A 152 4.03 -8.81 -3.54
CA PRO A 152 3.46 -8.65 -4.89
C PRO A 152 2.87 -9.93 -5.42
N ARG A 153 3.08 -11.05 -4.72
CA ARG A 153 2.54 -12.30 -5.24
C ARG A 153 1.04 -12.26 -5.33
N ASP A 154 0.51 -12.79 -6.42
CA ASP A 154 -0.95 -12.95 -6.62
C ASP A 154 -1.68 -11.64 -6.50
N THR A 155 -1.13 -10.63 -7.12
CA THR A 155 -1.73 -9.32 -7.07
C THR A 155 -1.96 -8.75 -8.44
N THR A 156 -2.76 -7.71 -8.46
CA THR A 156 -2.94 -6.90 -9.63
C THR A 156 -3.31 -5.51 -9.15
N SER A 157 -3.55 -4.60 -10.07
CA SER A 157 -3.98 -3.27 -9.67
C SER A 157 -5.43 -3.13 -10.04
N PRO A 158 -6.18 -2.26 -9.37
CA PRO A 158 -7.57 -2.06 -9.81
C PRO A 158 -7.66 -1.62 -11.27
N ARG A 159 -6.81 -0.68 -11.73
CA ARG A 159 -6.85 -0.23 -13.11
C ARG A 159 -6.70 -1.41 -14.08
N ALA A 160 -5.67 -2.24 -13.84
CA ALA A 160 -5.38 -3.37 -14.70
C ALA A 160 -6.54 -4.36 -14.71
N MET A 161 -7.09 -4.64 -13.52
CA MET A 161 -8.15 -5.63 -13.49
C MET A 161 -9.39 -5.11 -14.12
N ALA A 162 -9.70 -3.81 -13.95
CA ALA A 162 -10.89 -3.26 -14.58
C ALA A 162 -10.79 -3.34 -16.10
N GLN A 163 -9.60 -2.98 -16.63
CA GLN A 163 -9.39 -2.98 -18.08
C GLN A 163 -9.50 -4.40 -18.57
N THR A 164 -8.87 -5.34 -17.87
CA THR A 164 -8.93 -6.75 -18.29
C THR A 164 -10.32 -7.31 -18.22
N LEU A 165 -11.04 -6.99 -17.15
CA LEU A 165 -12.39 -7.47 -17.00
C LEU A 165 -13.27 -6.91 -18.11
N ARG A 166 -13.05 -5.63 -18.48
CA ARG A 166 -13.80 -5.07 -19.58
C ARG A 166 -13.46 -5.85 -20.87
N ASN A 167 -12.18 -6.09 -21.10
CA ASN A 167 -11.74 -6.75 -22.32
C ASN A 167 -12.30 -8.15 -22.41
N LEU A 168 -12.39 -8.84 -21.26
CA LEU A 168 -12.89 -10.21 -21.23
C LEU A 168 -14.39 -10.31 -21.40
N THR A 169 -15.13 -9.44 -20.70
CA THR A 169 -16.59 -9.57 -20.66
C THR A 169 -17.31 -8.79 -21.71
N LEU A 170 -16.71 -7.68 -22.14
CA LEU A 170 -17.34 -6.82 -23.15
C LEU A 170 -16.52 -6.70 -24.41
N GLY A 171 -15.21 -6.67 -24.27
CA GLY A 171 -14.29 -6.53 -25.38
C GLY A 171 -14.00 -7.81 -26.14
N LYS A 172 -12.91 -7.81 -26.87
CA LYS A 172 -12.55 -8.89 -27.76
C LYS A 172 -11.44 -9.80 -27.28
N ALA A 173 -11.20 -9.85 -25.95
CA ALA A 173 -10.13 -10.71 -25.43
C ALA A 173 -10.47 -12.19 -25.68
N LEU A 174 -11.75 -12.54 -25.67
CA LEU A 174 -12.25 -13.89 -25.89
C LEU A 174 -13.13 -13.95 -27.13
N GLY A 175 -13.33 -15.14 -27.67
CA GLY A 175 -14.25 -15.33 -28.78
C GLY A 175 -15.65 -15.04 -28.30
N ASP A 176 -16.58 -14.73 -29.24
CA ASP A 176 -17.97 -14.39 -28.89
C ASP A 176 -18.64 -15.35 -27.90
N SER A 177 -18.60 -16.66 -28.19
CA SER A 177 -19.26 -17.64 -27.32
C SER A 177 -18.59 -17.73 -25.95
N GLN A 178 -17.26 -17.62 -25.91
CA GLN A 178 -16.48 -17.69 -24.68
C GLN A 178 -16.76 -16.47 -23.81
N ARG A 179 -16.81 -15.28 -24.43
CA ARG A 179 -17.16 -14.05 -23.73
C ARG A 179 -18.56 -14.17 -23.14
N ALA A 180 -19.54 -14.63 -23.95
CA ALA A 180 -20.90 -14.78 -23.47
C ALA A 180 -20.90 -15.78 -22.31
N GLN A 181 -20.10 -16.85 -22.41
CA GLN A 181 -20.02 -17.84 -21.33
C GLN A 181 -19.49 -17.23 -20.02
N LEU A 182 -18.45 -16.42 -20.11
CA LEU A 182 -17.87 -15.77 -18.94
C LEU A 182 -18.89 -14.85 -18.32
N VAL A 183 -19.58 -14.06 -19.16
CA VAL A 183 -20.62 -13.16 -18.66
C VAL A 183 -21.70 -13.98 -17.97
N THR A 184 -22.18 -15.06 -18.61
CA THR A 184 -23.19 -15.92 -18.00
C THR A 184 -22.67 -16.43 -16.67
N TRP A 185 -21.41 -16.91 -16.61
CA TRP A 185 -20.90 -17.43 -15.33
C TRP A 185 -20.90 -16.35 -14.27
N MET A 186 -20.38 -15.17 -14.61
CA MET A 186 -20.33 -14.11 -13.62
C MET A 186 -21.69 -13.62 -13.17
N LYS A 187 -22.64 -13.51 -14.11
CA LYS A 187 -24.00 -13.11 -13.72
C LYS A 187 -24.60 -14.11 -12.74
N GLY A 188 -24.22 -15.38 -12.86
CA GLY A 188 -24.73 -16.43 -11.99
C GLY A 188 -23.99 -16.56 -10.68
N ASN A 189 -23.08 -15.59 -10.35
CA ASN A 189 -22.36 -15.66 -9.10
C ASN A 189 -23.32 -15.69 -7.94
N THR A 190 -23.06 -16.54 -6.95
CA THR A 190 -23.93 -16.62 -5.79
C THR A 190 -23.35 -15.96 -4.53
N THR A 191 -22.09 -15.47 -4.61
CA THR A 191 -21.37 -14.96 -3.45
C THR A 191 -21.32 -13.46 -3.29
N GLY A 192 -21.90 -12.73 -4.23
CA GLY A 192 -21.67 -11.29 -4.31
C GLY A 192 -22.69 -10.35 -3.71
N ALA A 193 -23.78 -10.87 -3.16
CA ALA A 193 -24.84 -10.00 -2.66
C ALA A 193 -24.41 -8.96 -1.62
N ALA A 194 -23.40 -9.25 -0.80
CA ALA A 194 -22.98 -8.28 0.22
C ALA A 194 -21.88 -7.33 -0.21
N SER A 195 -21.33 -7.52 -1.41
CA SER A 195 -20.19 -6.74 -1.82
C SER A 195 -20.63 -5.61 -2.77
N ILE A 196 -20.05 -5.50 -3.98
CA ILE A 196 -20.46 -4.42 -4.88
C ILE A 196 -21.97 -4.33 -5.04
N GLN A 197 -22.63 -5.48 -5.24
CA GLN A 197 -24.06 -5.52 -5.43
C GLN A 197 -24.83 -4.77 -4.34
N ALA A 198 -24.35 -4.88 -3.10
CA ALA A 198 -25.03 -4.26 -1.96
C ALA A 198 -25.02 -2.72 -1.99
N GLY A 199 -24.14 -2.16 -2.81
CA GLY A 199 -24.02 -0.71 -2.97
C GLY A 199 -24.73 -0.20 -4.20
N LEU A 200 -25.39 -1.10 -4.94
CA LEU A 200 -26.09 -0.71 -6.15
C LEU A 200 -27.58 -0.84 -6.03
N PRO A 201 -28.34 -0.17 -6.91
CA PRO A 201 -29.79 -0.39 -6.96
C PRO A 201 -30.06 -1.89 -7.10
N ALA A 202 -30.99 -2.39 -6.28
CA ALA A 202 -31.34 -3.80 -6.22
C ALA A 202 -31.66 -4.45 -7.56
N SER A 203 -32.19 -3.67 -8.55
CA SER A 203 -32.62 -4.26 -9.82
C SER A 203 -31.54 -4.37 -10.87
N TRP A 204 -30.38 -3.76 -10.62
CA TRP A 204 -29.34 -3.79 -11.63
C TRP A 204 -28.80 -5.20 -11.82
N VAL A 205 -28.51 -5.53 -13.09
CA VAL A 205 -27.94 -6.82 -13.43
C VAL A 205 -26.44 -6.72 -13.15
N VAL A 206 -25.91 -7.67 -12.35
CA VAL A 206 -24.47 -7.63 -12.00
C VAL A 206 -23.88 -8.99 -12.17
N GLY A 207 -22.66 -9.00 -12.71
CA GLY A 207 -21.87 -10.20 -12.77
C GLY A 207 -20.63 -9.88 -11.98
N ASP A 208 -20.30 -10.66 -10.95
CA ASP A 208 -19.13 -10.27 -10.19
C ASP A 208 -18.39 -11.45 -9.68
N LYS A 209 -17.17 -11.20 -9.19
CA LYS A 209 -16.37 -12.23 -8.52
C LYS A 209 -15.77 -11.60 -7.28
N THR A 210 -16.14 -12.12 -6.14
CA THR A 210 -15.66 -11.69 -4.86
C THR A 210 -14.37 -12.41 -4.52
N GLY A 211 -13.71 -11.90 -3.49
CA GLY A 211 -12.54 -12.55 -2.92
C GLY A 211 -12.32 -12.08 -1.50
N SER A 212 -11.63 -12.91 -0.68
CA SER A 212 -11.33 -12.55 0.68
C SER A 212 -10.00 -13.17 0.96
N GLY A 213 -9.28 -12.62 1.89
CA GLY A 213 -8.03 -13.25 2.27
C GLY A 213 -7.50 -12.71 3.56
N GLY A 214 -6.21 -12.97 3.79
CA GLY A 214 -5.50 -12.50 4.96
C GLY A 214 -5.58 -11.00 5.05
N TYR A 215 -5.32 -10.45 6.25
CA TYR A 215 -5.35 -8.99 6.48
C TYR A 215 -6.70 -8.37 6.11
N GLY A 216 -7.77 -9.12 6.36
CA GLY A 216 -9.13 -8.67 6.10
C GLY A 216 -9.32 -8.22 4.67
N THR A 217 -8.54 -8.83 3.74
CA THR A 217 -8.65 -8.50 2.33
C THR A 217 -10.02 -8.85 1.87
N THR A 218 -10.67 -7.90 1.23
CA THR A 218 -12.07 -8.06 0.80
C THR A 218 -12.13 -7.40 -0.55
N ASN A 219 -12.48 -8.20 -1.58
CA ASN A 219 -12.44 -7.75 -2.96
C ASN A 219 -13.69 -8.09 -3.70
N ASP A 220 -13.91 -7.38 -4.80
CA ASP A 220 -15.01 -7.75 -5.66
C ASP A 220 -14.73 -7.08 -6.96
N ILE A 221 -14.94 -7.82 -8.05
CA ILE A 221 -14.76 -7.27 -9.38
C ILE A 221 -16.05 -7.51 -10.11
N ALA A 222 -16.56 -6.52 -10.81
CA ALA A 222 -17.89 -6.69 -11.38
C ALA A 222 -18.09 -5.98 -12.68
N VAL A 223 -19.03 -6.52 -13.45
CA VAL A 223 -19.57 -5.88 -14.63
C VAL A 223 -21.01 -5.63 -14.23
N ILE A 224 -21.46 -4.39 -14.44
CA ILE A 224 -22.77 -3.97 -13.99
C ILE A 224 -23.54 -3.49 -15.17
N TRP A 225 -24.71 -4.06 -15.37
CA TRP A 225 -25.50 -3.62 -16.50
C TRP A 225 -26.76 -3.03 -15.98
N PRO A 226 -26.83 -1.70 -15.77
CA PRO A 226 -28.11 -1.11 -15.37
C PRO A 226 -29.08 -1.13 -16.55
N LYS A 227 -30.35 -1.43 -16.31
CA LYS A 227 -31.34 -1.41 -17.38
C LYS A 227 -31.30 -0.04 -18.08
N ASP A 228 -31.40 -0.03 -19.42
CA ASP A 228 -31.46 1.20 -20.22
C ASP A 228 -30.23 2.05 -20.14
N ARG A 229 -29.12 1.44 -19.75
CA ARG A 229 -27.86 2.15 -19.66
C ARG A 229 -26.75 1.32 -20.25
N ALA A 230 -25.56 1.95 -20.33
CA ALA A 230 -24.37 1.24 -20.75
C ALA A 230 -23.71 0.68 -19.50
N PRO A 231 -23.01 -0.45 -19.62
CA PRO A 231 -22.46 -1.07 -18.42
C PRO A 231 -21.30 -0.35 -17.80
N LEU A 232 -21.04 -0.74 -16.57
CA LEU A 232 -19.91 -0.25 -15.77
C LEU A 232 -19.05 -1.42 -15.42
N ILE A 233 -17.75 -1.19 -15.38
CA ILE A 233 -16.85 -2.22 -14.92
C ILE A 233 -16.32 -1.66 -13.61
N LEU A 234 -16.33 -2.47 -12.54
CA LEU A 234 -15.90 -1.98 -11.26
C LEU A 234 -15.05 -2.97 -10.49
N VAL A 235 -13.89 -2.50 -10.06
CA VAL A 235 -13.00 -3.29 -9.22
C VAL A 235 -12.89 -2.54 -7.91
N THR A 236 -13.16 -3.23 -6.81
CA THR A 236 -13.05 -2.68 -5.49
C THR A 236 -12.25 -3.68 -4.69
N TYR A 237 -11.05 -3.26 -4.34
CA TYR A 237 -10.11 -4.04 -3.56
C TYR A 237 -9.89 -3.35 -2.24
N PHE A 238 -9.84 -4.13 -1.17
CA PHE A 238 -9.72 -3.51 0.14
C PHE A 238 -8.91 -4.41 1.02
N THR A 239 -8.01 -3.84 1.79
CA THR A 239 -7.17 -4.63 2.67
C THR A 239 -6.84 -3.84 3.89
N GLN A 240 -6.53 -4.56 4.96
CA GLN A 240 -6.40 -3.97 6.27
C GLN A 240 -5.06 -4.17 6.95
N PRO A 241 -4.78 -3.39 8.02
CA PRO A 241 -3.46 -3.52 8.68
C PRO A 241 -3.21 -4.82 9.44
N GLN A 242 -4.28 -5.42 10.01
CA GLN A 242 -4.17 -6.54 10.92
C GLN A 242 -4.27 -7.85 10.19
N PRO A 243 -3.34 -8.78 10.45
CA PRO A 243 -3.37 -10.07 9.76
C PRO A 243 -4.69 -10.80 9.87
N LYS A 244 -5.37 -10.70 11.03
CA LYS A 244 -6.60 -11.45 11.24
C LYS A 244 -7.84 -10.57 11.21
N ALA A 245 -7.73 -9.40 10.56
CA ALA A 245 -8.83 -8.46 10.40
C ALA A 245 -10.00 -9.17 9.73
N GLU A 246 -11.22 -8.88 10.18
CA GLU A 246 -12.40 -9.48 9.55
C GLU A 246 -12.63 -8.78 8.22
N SER A 247 -13.25 -9.49 7.28
CA SER A 247 -13.59 -8.94 5.98
C SER A 247 -14.48 -7.69 6.12
N ARG A 248 -14.46 -6.82 5.13
CA ARG A 248 -15.27 -5.60 5.15
C ARG A 248 -16.01 -5.42 3.84
N ARG A 249 -16.95 -6.33 3.57
CA ARG A 249 -17.73 -6.24 2.33
C ARG A 249 -18.49 -4.94 2.26
N ASP A 250 -18.90 -4.40 3.44
CA ASP A 250 -19.60 -3.12 3.52
C ASP A 250 -18.80 -1.99 2.87
N VAL A 251 -17.47 -2.04 2.96
CA VAL A 251 -16.59 -1.03 2.36
C VAL A 251 -16.73 -1.12 0.84
N LEU A 252 -16.79 -2.34 0.28
CA LEU A 252 -16.92 -2.47 -1.17
C LEU A 252 -18.27 -1.97 -1.64
N ALA A 253 -19.31 -2.26 -0.83
CA ALA A 253 -20.65 -1.80 -1.14
C ALA A 253 -20.67 -0.27 -1.07
N SER A 254 -20.01 0.31 -0.03
CA SER A 254 -19.97 1.78 0.07
C SER A 254 -19.22 2.37 -1.12
N ALA A 255 -18.10 1.75 -1.52
CA ALA A 255 -17.35 2.25 -2.69
C ALA A 255 -18.20 2.18 -3.94
N ALA A 256 -18.92 1.05 -4.15
CA ALA A 256 -19.80 0.88 -5.30
C ALA A 256 -20.84 1.97 -5.32
N LYS A 257 -21.32 2.22 -4.19
CA LYS A 257 -22.33 3.28 -4.15
C LYS A 257 -21.69 4.63 -4.48
N ILE A 258 -20.68 4.97 -3.91
CA ILE A 258 -20.04 6.24 -4.20
C ILE A 258 -19.76 6.43 -5.69
N VAL A 259 -19.21 5.41 -6.34
CA VAL A 259 -18.78 5.58 -7.72
C VAL A 259 -19.94 5.44 -8.71
N THR A 260 -21.09 4.91 -8.27
CA THR A 260 -22.20 4.71 -9.21
C THR A 260 -23.29 5.75 -9.13
N ASP A 261 -23.36 6.48 -8.01
CA ASP A 261 -24.39 7.51 -7.80
C ASP A 261 -24.45 8.60 -8.87
N ASP B 4 37.35 0.57 8.91
CA ASP B 4 37.71 1.70 9.78
C ASP B 4 36.51 2.59 10.13
N VAL B 5 35.57 2.81 9.18
CA VAL B 5 34.37 3.61 9.41
C VAL B 5 33.54 2.99 10.57
N GLN B 6 33.53 1.64 10.60
CA GLN B 6 32.88 0.82 11.61
C GLN B 6 33.48 1.07 12.99
N GLN B 7 34.83 1.11 13.06
CA GLN B 7 35.57 1.36 14.29
C GLN B 7 35.28 2.76 14.81
N LYS B 8 35.25 3.75 13.90
CA LYS B 8 35.01 5.15 14.23
C LYS B 8 33.60 5.32 14.80
N LEU B 9 32.61 4.65 14.18
CA LEU B 9 31.22 4.71 14.64
C LEU B 9 31.08 4.04 15.99
N ALA B 10 31.73 2.87 16.19
CA ALA B 10 31.68 2.16 17.47
C ALA B 10 32.32 3.01 18.57
N GLU B 11 33.40 3.74 18.24
CA GLU B 11 34.11 4.62 19.18
C GLU B 11 33.23 5.81 19.54
N LEU B 12 32.64 6.47 18.53
CA LEU B 12 31.73 7.58 18.76
C LEU B 12 30.60 7.11 19.68
N GLU B 13 30.04 5.93 19.37
CA GLU B 13 28.98 5.34 20.16
C GLU B 13 29.42 5.09 21.63
N ARG B 14 30.64 4.55 21.85
CA ARG B 14 31.16 4.32 23.20
C ARG B 14 31.25 5.62 23.96
N GLN B 15 31.86 6.65 23.36
CA GLN B 15 31.99 7.97 23.98
C GLN B 15 30.67 8.67 24.25
N SER B 16 29.67 8.43 23.41
CA SER B 16 28.36 9.04 23.54
C SER B 16 27.53 8.48 24.70
N GLY B 17 27.84 7.26 25.12
CA GLY B 17 27.10 6.58 26.18
C GLY B 17 25.77 5.97 25.74
N GLY B 18 25.49 6.04 24.45
CA GLY B 18 24.22 5.55 23.91
C GLY B 18 24.31 4.46 22.87
N ARG B 19 23.22 4.32 22.11
CA ARG B 19 23.08 3.35 21.05
C ARG B 19 22.87 4.16 19.77
N LEU B 20 23.77 3.97 18.81
CA LEU B 20 23.77 4.72 17.56
C LEU B 20 23.43 3.82 16.40
N GLY B 21 22.52 4.26 15.57
CA GLY B 21 22.15 3.53 14.37
C GLY B 21 22.42 4.40 13.15
N VAL B 22 23.14 3.88 12.17
CA VAL B 22 23.50 4.69 10.99
C VAL B 22 23.26 3.89 9.73
N ALA B 23 22.68 4.54 8.73
CA ALA B 23 22.58 3.91 7.42
C ALA B 23 22.82 5.00 6.40
N LEU B 24 23.87 4.81 5.60
CA LEU B 24 24.26 5.75 4.56
C LEU B 24 24.12 4.98 3.26
N ILE B 25 23.47 5.59 2.27
CA ILE B 25 23.38 5.00 0.94
C ILE B 25 24.01 6.03 0.05
N ASN B 26 24.93 5.60 -0.79
CA ASN B 26 25.60 6.52 -1.70
C ASN B 26 25.16 6.17 -3.10
N THR B 27 24.37 7.05 -3.74
CA THR B 27 23.90 6.77 -5.08
C THR B 27 25.01 6.85 -6.11
N ALA B 28 26.19 7.42 -5.76
CA ALA B 28 27.28 7.49 -6.73
C ALA B 28 27.66 6.09 -7.18
N ASP B 29 27.75 5.14 -6.24
CA ASP B 29 28.14 3.78 -6.60
C ASP B 29 27.22 2.70 -6.01
N ASN B 30 26.06 3.13 -5.47
CA ASN B 30 25.06 2.26 -4.85
C ASN B 30 25.62 1.61 -3.56
N SER B 31 26.73 2.15 -3.01
CA SER B 31 27.30 1.60 -1.80
C SER B 31 26.52 2.00 -0.56
N GLN B 32 26.70 1.22 0.51
CA GLN B 32 26.03 1.53 1.77
C GLN B 32 27.00 1.41 2.91
N ILE B 33 26.81 2.23 3.95
CA ILE B 33 27.58 2.13 5.19
C ILE B 33 26.52 1.93 6.24
N LEU B 34 26.57 0.81 6.94
CA LEU B 34 25.53 0.51 7.92
C LEU B 34 26.13 0.28 9.29
N TYR B 35 25.41 0.70 10.33
CA TYR B 35 25.81 0.46 11.69
C TYR B 35 24.54 0.26 12.45
N ARG B 36 24.39 -0.95 13.06
CA ARG B 36 23.16 -1.35 13.74
C ARG B 36 22.03 -1.27 12.72
N ALA B 37 22.33 -1.75 11.49
CA ALA B 37 21.47 -1.73 10.31
C ALA B 37 20.03 -2.11 10.54
N ASP B 38 19.85 -3.23 11.28
CA ASP B 38 18.51 -3.81 11.46
C ASP B 38 17.93 -3.66 12.83
N GLU B 39 18.57 -2.88 13.68
CA GLU B 39 18.06 -2.67 15.02
C GLU B 39 16.97 -1.64 14.97
N ARG B 40 16.02 -1.73 15.90
CA ARG B 40 14.92 -0.79 15.95
C ARG B 40 15.30 0.41 16.79
N PHE B 41 14.83 1.57 16.36
CA PHE B 41 15.04 2.80 17.07
C PHE B 41 13.77 3.57 17.01
N ALA B 42 13.41 4.25 18.10
CA ALA B 42 12.22 5.10 18.13
C ALA B 42 12.46 6.25 17.15
N MET B 43 11.57 6.37 16.17
CA MET B 43 11.77 7.35 15.08
C MET B 43 11.51 8.76 15.54
N CYS B 44 10.64 8.93 16.55
CA CYS B 44 10.19 10.23 17.00
C CYS B 44 9.71 11.06 15.79
N SER B 45 10.07 12.35 15.72
CA SER B 45 9.56 13.19 14.63
C SER B 45 10.07 12.80 13.27
N THR B 46 11.07 11.90 13.15
CA THR B 46 11.50 11.50 11.80
C THR B 46 10.39 10.72 11.11
N SER B 47 9.42 10.17 11.88
CA SER B 47 8.29 9.43 11.33
C SER B 47 7.39 10.37 10.51
N LYS B 48 7.55 11.69 10.68
CA LYS B 48 6.75 12.66 9.96
C LYS B 48 6.97 12.60 8.45
N VAL B 49 8.18 12.19 8.01
CA VAL B 49 8.48 12.02 6.60
C VAL B 49 7.53 10.95 6.02
N MET B 50 7.40 9.80 6.71
CA MET B 50 6.51 8.76 6.20
C MET B 50 5.07 9.23 6.19
N ALA B 51 4.65 9.97 7.23
CA ALA B 51 3.27 10.44 7.27
C ALA B 51 2.99 11.46 6.18
N ALA B 52 3.90 12.42 5.97
CA ALA B 52 3.71 13.40 4.89
C ALA B 52 3.70 12.66 3.53
N ALA B 53 4.57 11.64 3.39
CA ALA B 53 4.67 10.87 2.14
C ALA B 53 3.37 10.08 1.93
N ALA B 54 2.77 9.55 3.03
CA ALA B 54 1.49 8.81 2.92
C ALA B 54 0.42 9.73 2.37
N VAL B 55 0.38 11.00 2.86
CA VAL B 55 -0.58 12.00 2.42
C VAL B 55 -0.32 12.35 0.95
N LEU B 56 0.95 12.54 0.58
CA LEU B 56 1.30 12.82 -0.81
C LEU B 56 0.85 11.68 -1.70
N LYS B 57 1.09 10.46 -1.28
CA LYS B 57 0.67 9.31 -2.07
C LYS B 57 -0.83 9.31 -2.21
N LYS B 58 -1.54 9.51 -1.09
CA LYS B 58 -2.99 9.52 -1.12
C LYS B 58 -3.47 10.63 -2.08
N SER B 59 -2.73 11.75 -2.15
CA SER B 59 -3.09 12.85 -3.04
C SER B 59 -2.97 12.52 -4.51
N GLU B 60 -2.26 11.43 -4.90
CA GLU B 60 -2.15 11.05 -6.31
C GLU B 60 -3.49 10.64 -6.94
N SER B 61 -4.47 10.24 -6.11
CA SER B 61 -5.76 9.89 -6.67
C SER B 61 -6.57 11.17 -6.96
N GLU B 62 -6.32 12.25 -6.20
CA GLU B 62 -6.95 13.55 -6.42
C GLU B 62 -5.94 14.65 -6.07
N PRO B 63 -5.08 15.10 -7.04
CA PRO B 63 -4.02 16.07 -6.70
C PRO B 63 -4.42 17.27 -5.86
N ASN B 64 -5.61 17.82 -6.07
CA ASN B 64 -6.07 18.97 -5.27
C ASN B 64 -6.23 18.70 -3.75
N LEU B 65 -5.95 17.45 -3.27
CA LEU B 65 -6.02 17.02 -1.85
C LEU B 65 -5.22 17.88 -0.91
N LEU B 66 -3.99 18.26 -1.29
CA LEU B 66 -3.13 19.08 -0.44
C LEU B 66 -3.77 20.39 -0.10
N ASN B 67 -4.74 20.83 -0.93
CA ASN B 67 -5.39 22.11 -0.69
C ASN B 67 -6.56 22.00 0.27
N GLN B 68 -6.97 20.77 0.62
CA GLN B 68 -8.05 20.54 1.56
C GLN B 68 -7.76 21.19 2.89
N ARG B 69 -8.73 21.93 3.42
CA ARG B 69 -8.63 22.62 4.70
C ARG B 69 -8.91 21.65 5.82
N VAL B 70 -8.12 21.75 6.89
CA VAL B 70 -8.28 20.94 8.10
C VAL B 70 -8.45 21.91 9.26
N GLU B 71 -9.47 21.70 10.09
CA GLU B 71 -9.67 22.56 11.24
C GLU B 71 -8.68 22.29 12.34
N ILE B 72 -8.21 23.37 12.96
CA ILE B 72 -7.31 23.29 14.10
C ILE B 72 -8.12 23.76 15.30
N LYS B 73 -8.30 22.89 16.29
CA LYS B 73 -9.05 23.19 17.52
C LYS B 73 -8.07 23.43 18.67
N LYS B 74 -8.49 24.15 19.73
CA LYS B 74 -7.63 24.31 20.91
C LYS B 74 -7.29 22.94 21.51
N SER B 75 -8.27 22.01 21.47
CA SER B 75 -8.14 20.63 21.96
C SER B 75 -7.12 19.80 21.17
N ASP B 76 -6.71 20.28 19.98
CA ASP B 76 -5.74 19.54 19.18
C ASP B 76 -4.33 19.77 19.69
N LEU B 77 -4.10 20.90 20.38
CA LEU B 77 -2.74 21.25 20.82
C LEU B 77 -2.15 20.23 21.74
N VAL B 78 -0.88 19.93 21.48
CA VAL B 78 -0.11 18.95 22.23
C VAL B 78 1.13 19.61 22.83
N ASN B 79 2.28 18.94 22.79
CA ASN B 79 3.50 19.43 23.42
C ASN B 79 4.28 20.45 22.64
N TYR B 80 4.23 20.36 21.30
CA TYR B 80 5.01 21.22 20.45
C TYR B 80 4.28 21.41 19.14
N ASN B 81 3.81 22.63 18.88
CA ASN B 81 3.03 22.91 17.69
C ASN B 81 3.11 24.40 17.43
N PRO B 82 4.31 24.91 17.06
CA PRO B 82 4.47 26.35 16.84
C PRO B 82 3.66 26.90 15.68
N ILE B 83 3.32 26.05 14.71
CA ILE B 83 2.55 26.55 13.58
C ILE B 83 1.07 26.40 13.81
N ALA B 84 0.63 25.20 14.21
CA ALA B 84 -0.79 24.93 14.45
C ALA B 84 -1.41 25.86 15.49
N GLU B 85 -0.63 26.28 16.49
CA GLU B 85 -1.14 27.16 17.54
C GLU B 85 -1.48 28.55 17.02
N LYS B 86 -1.01 28.91 15.82
CA LYS B 86 -1.31 30.21 15.21
C LYS B 86 -2.64 30.14 14.45
N HIS B 87 -3.22 28.93 14.35
CA HIS B 87 -4.41 28.65 13.57
C HIS B 87 -5.57 28.02 14.33
N VAL B 88 -5.55 28.13 15.68
CA VAL B 88 -6.62 27.62 16.53
C VAL B 88 -7.92 28.31 16.11
N ASN B 89 -8.99 27.52 15.91
CA ASN B 89 -10.32 28.00 15.45
C ASN B 89 -10.25 28.49 13.99
N GLY B 90 -9.17 28.12 13.31
CA GLY B 90 -8.93 28.38 11.90
C GLY B 90 -8.63 27.07 11.21
N THR B 91 -8.04 27.14 10.03
CA THR B 91 -7.73 25.94 9.27
C THR B 91 -6.34 26.03 8.70
N MET B 92 -5.83 24.87 8.31
CA MET B 92 -4.57 24.75 7.60
C MET B 92 -4.83 23.76 6.52
N SER B 93 -4.23 23.96 5.34
CA SER B 93 -4.41 22.98 4.29
C SER B 93 -3.49 21.82 4.62
N LEU B 94 -3.71 20.67 3.94
CA LEU B 94 -2.81 19.52 4.13
C LEU B 94 -1.37 19.84 3.70
N ALA B 95 -1.20 20.71 2.70
CA ALA B 95 0.13 21.15 2.27
C ALA B 95 0.75 21.96 3.40
N GLU B 96 -0.05 22.88 3.99
CA GLU B 96 0.47 23.68 5.10
C GLU B 96 0.84 22.79 6.29
N LEU B 97 0.00 21.79 6.58
CA LEU B 97 0.25 20.84 7.66
C LEU B 97 1.48 20.02 7.35
N SER B 98 1.66 19.58 6.06
CA SER B 98 2.86 18.82 5.71
C SER B 98 4.08 19.68 5.89
N ALA B 99 4.01 20.94 5.44
CA ALA B 99 5.14 21.85 5.59
C ALA B 99 5.46 22.10 7.07
N ALA B 100 4.43 22.32 7.90
CA ALA B 100 4.63 22.59 9.32
C ALA B 100 5.25 21.38 10.01
N ALA B 101 4.74 20.20 9.68
CA ALA B 101 5.26 18.97 10.26
C ALA B 101 6.70 18.75 9.85
N LEU B 102 7.00 18.94 8.58
CA LEU B 102 8.35 18.64 8.12
C LEU B 102 9.37 19.71 8.43
N GLN B 103 8.97 20.99 8.34
CA GLN B 103 9.93 22.07 8.48
C GLN B 103 10.06 22.65 9.86
N TYR B 104 8.98 22.58 10.64
CA TYR B 104 8.99 23.08 12.01
C TYR B 104 8.74 21.99 13.04
N SER B 105 8.50 20.73 12.58
CA SER B 105 8.22 19.61 13.45
C SER B 105 7.05 19.88 14.36
N ASP B 106 5.99 20.41 13.74
CA ASP B 106 4.78 20.71 14.47
C ASP B 106 4.06 19.37 14.70
N ASN B 107 3.78 19.05 15.98
CA ASN B 107 3.13 17.78 16.31
C ASN B 107 1.66 17.73 15.98
N VAL B 108 0.96 18.86 16.06
CA VAL B 108 -0.46 18.87 15.65
C VAL B 108 -0.52 18.57 14.15
N ALA B 109 0.38 19.18 13.36
CA ALA B 109 0.44 18.95 11.94
C ALA B 109 0.63 17.45 11.66
N MET B 110 1.61 16.84 12.36
CA MET B 110 1.80 15.39 12.25
C MET B 110 0.49 14.66 12.57
N ASN B 111 -0.18 14.99 13.68
CA ASN B 111 -1.44 14.30 14.01
C ASN B 111 -2.48 14.43 12.94
N LYS B 112 -2.54 15.59 12.29
CA LYS B 112 -3.54 15.76 11.21
C LYS B 112 -3.14 14.93 9.99
N LEU B 113 -1.83 14.79 9.71
CA LEU B 113 -1.39 13.95 8.59
C LEU B 113 -1.75 12.52 8.88
N ILE B 114 -1.45 12.03 10.11
CA ILE B 114 -1.77 10.67 10.51
C ILE B 114 -3.29 10.47 10.39
N ALA B 115 -4.07 11.38 10.97
CA ALA B 115 -5.52 11.26 10.91
C ALA B 115 -6.03 11.25 9.48
N HIS B 116 -5.47 12.10 8.61
CA HIS B 116 -5.95 12.19 7.24
C HIS B 116 -5.88 10.87 6.48
N VAL B 117 -4.80 10.12 6.72
CA VAL B 117 -4.62 8.85 6.02
C VAL B 117 -5.36 7.70 6.67
N GLY B 118 -5.84 7.92 7.89
CA GLY B 118 -6.62 6.91 8.59
C GLY B 118 -6.05 6.36 9.86
N GLY B 119 -4.95 6.96 10.32
CA GLY B 119 -4.35 6.58 11.59
C GLY B 119 -2.96 6.00 11.47
N PRO B 120 -2.31 5.77 12.62
CA PRO B 120 -0.93 5.25 12.60
C PRO B 120 -0.77 4.01 11.72
N ALA B 121 -1.71 3.05 11.81
CA ALA B 121 -1.62 1.83 11.00
C ALA B 121 -1.74 2.12 9.49
N SER B 122 -2.44 3.21 9.11
CA SER B 122 -2.54 3.57 7.70
C SER B 122 -1.24 4.14 7.20
N VAL B 123 -0.49 4.87 8.07
CA VAL B 123 0.84 5.32 7.68
C VAL B 123 1.73 4.06 7.49
N THR B 124 1.62 3.13 8.42
CA THR B 124 2.38 1.88 8.35
C THR B 124 2.02 1.11 7.05
N ALA B 125 0.73 1.02 6.71
CA ALA B 125 0.30 0.33 5.48
C ALA B 125 0.97 0.93 4.25
N PHE B 126 1.09 2.26 4.23
CA PHE B 126 1.75 2.96 3.16
C PHE B 126 3.21 2.51 3.08
N ALA B 127 3.92 2.48 4.23
CA ALA B 127 5.31 2.04 4.27
C ALA B 127 5.38 0.59 3.76
N ARG B 128 4.45 -0.27 4.20
CA ARG B 128 4.44 -1.65 3.71
C ARG B 128 4.30 -1.70 2.18
N GLN B 129 3.49 -0.81 1.64
CA GLN B 129 3.25 -0.82 0.24
C GLN B 129 4.49 -0.45 -0.54
N LEU B 130 5.37 0.28 0.09
CA LEU B 130 6.62 0.67 -0.56
C LEU B 130 7.68 -0.35 -0.32
N GLY B 131 7.34 -1.44 0.32
CA GLY B 131 8.28 -2.49 0.54
C GLY B 131 9.05 -2.42 1.82
N ASP B 132 8.63 -1.51 2.69
CA ASP B 132 9.25 -1.33 3.98
C ASP B 132 8.49 -2.20 4.98
N GLU B 133 9.12 -3.31 5.39
N GLU B 133 9.10 -3.32 5.40
CA GLU B 133 8.57 -4.29 6.32
CA GLU B 133 8.47 -4.22 6.36
C GLU B 133 8.91 -3.97 7.78
C GLU B 133 8.79 -3.86 7.81
N THR B 134 9.71 -2.91 8.00
CA THR B 134 10.20 -2.55 9.32
C THR B 134 9.51 -1.43 9.99
N PHE B 135 9.30 -0.34 9.25
CA PHE B 135 8.63 0.82 9.79
C PHE B 135 7.34 0.45 10.49
N ARG B 136 7.12 1.01 11.66
CA ARG B 136 5.81 0.86 12.30
C ARG B 136 5.48 2.10 13.04
N LEU B 137 4.30 2.65 12.75
CA LEU B 137 3.80 3.79 13.46
C LEU B 137 2.61 3.26 14.22
N ASP B 138 2.67 3.40 15.52
CA ASP B 138 1.70 2.82 16.44
C ASP B 138 0.89 3.87 17.14
N ARG B 139 1.51 5.02 17.41
CA ARG B 139 0.85 6.05 18.19
C ARG B 139 0.84 7.38 17.50
N THR B 140 0.04 8.29 18.04
CA THR B 140 -0.02 9.66 17.60
C THR B 140 0.93 10.48 18.42
N GLU B 141 0.95 11.77 18.14
CA GLU B 141 1.76 12.72 18.89
C GLU B 141 0.98 13.08 20.14
N PRO B 142 1.66 13.26 21.28
CA PRO B 142 3.11 13.18 21.50
C PRO B 142 3.63 11.82 21.99
N THR B 143 2.74 10.85 22.22
CA THR B 143 3.15 9.58 22.82
C THR B 143 4.07 8.75 21.95
N LEU B 144 4.06 8.98 20.64
CA LEU B 144 4.96 8.20 19.78
C LEU B 144 6.47 8.44 20.08
N ASN B 145 6.78 9.46 20.90
CA ASN B 145 8.15 9.84 21.23
C ASN B 145 8.68 9.27 22.53
N THR B 146 7.96 8.34 23.18
CA THR B 146 8.43 7.82 24.48
C THR B 146 9.79 7.16 24.39
N ALA B 147 10.07 6.47 23.25
CA ALA B 147 11.38 5.88 22.98
C ALA B 147 11.93 5.02 24.12
N ILE B 148 11.04 4.21 24.71
CA ILE B 148 11.43 3.34 25.80
C ILE B 148 12.35 2.24 25.21
N PRO B 149 13.54 2.00 25.80
CA PRO B 149 14.43 0.95 25.26
C PRO B 149 13.71 -0.39 25.18
N GLY B 150 13.85 -1.06 24.04
CA GLY B 150 13.24 -2.35 23.81
C GLY B 150 11.79 -2.30 23.36
N ASP B 151 11.18 -1.10 23.35
CA ASP B 151 9.81 -0.94 22.90
C ASP B 151 9.81 -0.84 21.36
N PRO B 152 9.10 -1.76 20.66
CA PRO B 152 9.12 -1.70 19.19
C PRO B 152 8.15 -0.66 18.61
N ARG B 153 7.28 -0.09 19.46
CA ARG B 153 6.33 0.87 18.95
C ARG B 153 7.01 2.06 18.31
N ASP B 154 6.46 2.53 17.19
CA ASP B 154 6.96 3.75 16.55
C ASP B 154 8.45 3.71 16.25
N THR B 155 8.91 2.56 15.77
CA THR B 155 10.30 2.39 15.43
C THR B 155 10.47 1.98 13.99
N THR B 156 11.70 2.04 13.56
CA THR B 156 12.15 1.48 12.31
C THR B 156 13.62 1.20 12.48
N SER B 157 14.23 0.68 11.43
CA SER B 157 15.66 0.40 11.48
C SER B 157 16.38 1.42 10.61
N PRO B 158 17.67 1.67 10.86
CA PRO B 158 18.40 2.57 9.96
C PRO B 158 18.35 2.09 8.51
N ARG B 159 18.57 0.78 8.27
CA ARG B 159 18.53 0.23 6.90
C ARG B 159 17.16 0.48 6.25
N ALA B 160 16.07 0.17 6.96
CA ALA B 160 14.74 0.34 6.38
C ALA B 160 14.45 1.78 6.07
N MET B 161 14.77 2.70 7.01
CA MET B 161 14.47 4.09 6.78
C MET B 161 15.34 4.64 5.67
N ALA B 162 16.61 4.25 5.58
CA ALA B 162 17.43 4.75 4.48
C ALA B 162 16.90 4.24 3.13
N GLN B 163 16.53 2.95 3.08
CA GLN B 163 15.98 2.41 1.83
C GLN B 163 14.70 3.13 1.45
N THR B 164 13.82 3.34 2.43
CA THR B 164 12.56 4.00 2.13
C THR B 164 12.75 5.45 1.81
N LEU B 165 13.63 6.13 2.54
CA LEU B 165 13.86 7.54 2.21
C LEU B 165 14.48 7.70 0.83
N ARG B 166 15.29 6.73 0.42
CA ARG B 166 15.87 6.74 -0.93
C ARG B 166 14.73 6.66 -1.96
N ASN B 167 13.81 5.71 -1.74
CA ASN B 167 12.69 5.48 -2.64
C ASN B 167 11.77 6.67 -2.66
N LEU B 168 11.55 7.29 -1.49
CA LEU B 168 10.67 8.43 -1.42
C LEU B 168 11.25 9.67 -2.05
N THR B 169 12.51 9.98 -1.74
CA THR B 169 13.05 11.26 -2.22
C THR B 169 13.71 11.22 -3.56
N LEU B 170 14.27 10.07 -3.94
CA LEU B 170 15.00 9.96 -5.18
C LEU B 170 14.35 9.00 -6.17
N GLY B 171 13.69 7.98 -5.62
CA GLY B 171 13.07 6.93 -6.40
C GLY B 171 11.64 7.21 -6.81
N LYS B 172 10.95 6.12 -7.09
CA LYS B 172 9.59 6.19 -7.64
C LYS B 172 8.48 5.80 -6.68
N ALA B 173 8.75 5.89 -5.37
CA ALA B 173 7.73 5.55 -4.36
C ALA B 173 6.54 6.46 -4.53
N LEU B 174 6.80 7.74 -4.87
CA LEU B 174 5.75 8.74 -5.08
C LEU B 174 5.75 9.15 -6.54
N GLY B 175 4.67 9.79 -6.97
CA GLY B 175 4.64 10.44 -8.29
C GLY B 175 5.74 11.49 -8.28
N ASP B 176 6.33 11.77 -9.45
CA ASP B 176 7.47 12.71 -9.45
C ASP B 176 7.14 14.06 -8.83
N SER B 177 5.94 14.59 -9.08
CA SER B 177 5.64 15.90 -8.47
C SER B 177 5.55 15.80 -6.96
N GLN B 178 5.01 14.68 -6.45
CA GLN B 178 4.91 14.42 -5.02
C GLN B 178 6.27 14.23 -4.41
N ARG B 179 7.15 13.49 -5.10
CA ARG B 179 8.52 13.31 -4.69
C ARG B 179 9.23 14.67 -4.61
N ALA B 180 9.08 15.51 -5.66
CA ALA B 180 9.72 16.83 -5.67
C ALA B 180 9.18 17.66 -4.51
N GLN B 181 7.89 17.54 -4.24
CA GLN B 181 7.30 18.28 -3.12
C GLN B 181 7.90 17.83 -1.78
N LEU B 182 8.06 16.52 -1.59
CA LEU B 182 8.62 15.99 -0.36
C LEU B 182 10.06 16.49 -0.19
N VAL B 183 10.84 16.43 -1.27
CA VAL B 183 12.21 16.91 -1.22
C VAL B 183 12.24 18.41 -0.92
N THR B 184 11.38 19.21 -1.59
CA THR B 184 11.34 20.64 -1.35
C THR B 184 11.02 20.90 0.12
N TRP B 185 10.07 20.16 0.69
CA TRP B 185 9.77 20.36 2.10
C TRP B 185 10.95 20.05 2.97
N MET B 186 11.61 18.92 2.75
CA MET B 186 12.75 18.53 3.56
C MET B 186 13.90 19.49 3.44
N LYS B 187 14.11 20.05 2.23
CA LYS B 187 15.18 21.02 2.03
C LYS B 187 14.94 22.30 2.80
N GLY B 188 13.66 22.57 3.09
CA GLY B 188 13.23 23.75 3.83
C GLY B 188 13.18 23.54 5.32
N ASN B 189 13.66 22.37 5.81
CA ASN B 189 13.66 22.11 7.23
C ASN B 189 14.39 23.20 7.99
N THR B 190 13.81 23.66 9.10
CA THR B 190 14.45 24.71 9.91
C THR B 190 15.09 24.16 11.21
N THR B 191 14.85 22.87 11.54
CA THR B 191 15.29 22.26 12.79
C THR B 191 16.55 21.44 12.73
N GLY B 192 17.17 21.34 11.56
CA GLY B 192 18.26 20.40 11.39
C GLY B 192 19.67 20.89 11.38
N ALA B 193 19.91 22.19 11.59
CA ALA B 193 21.29 22.70 11.48
C ALA B 193 22.29 21.99 12.41
N ALA B 194 21.88 21.61 13.60
CA ALA B 194 22.81 21.04 14.57
C ALA B 194 22.98 19.54 14.48
N SER B 195 22.19 18.90 13.63
CA SER B 195 22.21 17.44 13.49
C SER B 195 23.08 17.02 12.30
N ILE B 196 22.59 16.15 11.39
CA ILE B 196 23.42 15.70 10.24
C ILE B 196 24.13 16.85 9.55
N GLN B 197 23.39 17.93 9.29
CA GLN B 197 23.96 19.08 8.61
C GLN B 197 25.25 19.60 9.21
N ALA B 198 25.35 19.58 10.55
CA ALA B 198 26.51 20.11 11.28
C ALA B 198 27.78 19.26 11.07
N GLY B 199 27.60 18.04 10.58
CA GLY B 199 28.71 17.13 10.30
C GLY B 199 29.13 17.14 8.85
N LEU B 200 28.45 17.97 8.02
CA LEU B 200 28.72 18.02 6.58
C LEU B 200 29.29 19.32 6.14
N PRO B 201 30.08 19.32 5.05
CA PRO B 201 30.55 20.59 4.50
C PRO B 201 29.36 21.50 4.16
N ALA B 202 29.52 22.79 4.43
CA ALA B 202 28.50 23.81 4.17
C ALA B 202 28.05 23.89 2.70
N SER B 203 28.90 23.41 1.76
CA SER B 203 28.59 23.47 0.33
C SER B 203 27.62 22.37 -0.10
N TRP B 204 27.28 21.45 0.81
CA TRP B 204 26.38 20.34 0.47
C TRP B 204 24.97 20.74 0.69
N VAL B 205 24.06 20.24 -0.13
CA VAL B 205 22.65 20.55 0.01
C VAL B 205 21.99 19.47 0.86
N VAL B 206 21.25 19.84 1.89
CA VAL B 206 20.64 18.85 2.76
C VAL B 206 19.14 19.07 2.88
N GLY B 207 18.40 17.98 2.78
CA GLY B 207 16.98 17.91 3.09
C GLY B 207 16.90 16.94 4.24
N ASP B 208 16.44 17.35 5.43
CA ASP B 208 16.42 16.40 6.55
C ASP B 208 15.20 16.53 7.42
N LYS B 209 15.00 15.54 8.27
CA LYS B 209 13.95 15.60 9.28
C LYS B 209 14.55 15.05 10.56
N THR B 210 14.58 15.89 11.57
CA THR B 210 15.09 15.56 12.88
C THR B 210 13.97 14.96 13.74
N GLY B 211 14.37 14.42 14.86
CA GLY B 211 13.44 13.98 15.86
C GLY B 211 14.14 13.87 17.18
N SER B 212 13.41 13.93 18.28
CA SER B 212 13.98 13.72 19.58
C SER B 212 12.87 13.17 20.46
N GLY B 213 13.26 12.52 21.51
CA GLY B 213 12.25 11.96 22.38
C GLY B 213 12.82 11.49 23.68
N GLY B 214 12.07 10.61 24.31
CA GLY B 214 12.47 10.02 25.58
C GLY B 214 13.82 9.37 25.50
N TYR B 215 14.49 9.20 26.66
CA TYR B 215 15.79 8.53 26.74
C TYR B 215 16.85 9.23 25.90
N GLY B 216 16.77 10.55 25.81
CA GLY B 216 17.72 11.33 25.04
C GLY B 216 17.80 10.91 23.59
N THR B 217 16.66 10.41 23.04
CA THR B 217 16.62 10.00 21.64
C THR B 217 16.81 11.21 20.77
N THR B 218 17.72 11.11 19.81
CA THR B 218 18.08 12.22 18.94
C THR B 218 18.32 11.61 17.59
N ASN B 219 17.50 12.01 16.62
CA ASN B 219 17.53 11.40 15.31
C ASN B 219 17.55 12.42 14.22
N ASP B 220 17.97 11.96 13.04
CA ASP B 220 17.90 12.81 11.85
C ASP B 220 17.97 11.90 10.66
N ILE B 221 17.11 12.18 9.66
CA ILE B 221 17.15 11.42 8.42
C ILE B 221 17.29 12.43 7.31
N ALA B 222 18.09 12.13 6.29
CA ALA B 222 18.40 13.14 5.29
C ALA B 222 18.66 12.58 3.92
N VAL B 223 18.35 13.44 2.96
CA VAL B 223 18.81 13.35 1.61
C VAL B 223 19.76 14.51 1.38
N ILE B 224 20.86 14.19 0.73
CA ILE B 224 22.02 15.06 0.73
C ILE B 224 22.63 15.07 -0.65
N TRP B 225 22.89 16.26 -1.15
CA TRP B 225 23.59 16.37 -2.42
C TRP B 225 24.96 16.94 -2.12
N PRO B 226 25.98 16.07 -2.00
CA PRO B 226 27.34 16.61 -1.82
C PRO B 226 27.69 17.44 -3.05
N LYS B 227 28.53 18.46 -2.88
CA LYS B 227 28.88 19.32 -4.01
C LYS B 227 29.32 18.54 -5.24
N ASP B 228 28.61 18.79 -6.37
CA ASP B 228 28.88 18.21 -7.70
C ASP B 228 28.90 16.72 -7.69
N ARG B 229 28.12 16.14 -6.78
CA ARG B 229 28.09 14.72 -6.60
C ARG B 229 26.68 14.17 -6.59
N ALA B 230 26.62 12.84 -6.70
CA ALA B 230 25.40 12.07 -6.59
C ALA B 230 24.95 12.14 -5.14
N PRO B 231 23.64 12.11 -4.89
CA PRO B 231 23.15 12.29 -3.53
C PRO B 231 23.39 11.09 -2.63
N LEU B 232 23.30 11.36 -1.35
CA LEU B 232 23.43 10.37 -0.28
C LEU B 232 22.11 10.34 0.45
N ILE B 233 21.80 9.20 1.02
CA ILE B 233 20.67 9.07 1.92
C ILE B 233 21.34 8.75 3.23
N LEU B 234 21.04 9.51 4.31
CA LEU B 234 21.64 9.25 5.58
C LEU B 234 20.62 9.24 6.70
N VAL B 235 20.62 8.14 7.45
CA VAL B 235 19.81 8.01 8.63
C VAL B 235 20.75 7.88 9.83
N THR B 236 20.56 8.70 10.86
CA THR B 236 21.35 8.58 12.05
C THR B 236 20.35 8.63 13.20
N TYR B 237 20.26 7.53 13.91
CA TYR B 237 19.38 7.40 15.05
C TYR B 237 20.24 7.25 16.29
N PHE B 238 19.82 7.90 17.38
CA PHE B 238 20.66 7.78 18.58
C PHE B 238 19.77 7.78 19.79
N THR B 239 20.06 6.92 20.75
CA THR B 239 19.21 6.89 21.94
C THR B 239 20.07 6.50 23.12
N GLN B 240 19.63 6.84 24.34
CA GLN B 240 20.46 6.65 25.52
C GLN B 240 19.83 5.77 26.56
N PRO B 241 20.63 5.25 27.50
CA PRO B 241 20.07 4.31 28.48
C PRO B 241 19.20 4.96 29.54
N GLN B 242 19.42 6.26 29.80
CA GLN B 242 18.72 6.95 30.90
C GLN B 242 17.48 7.69 30.43
N PRO B 243 16.36 7.57 31.19
CA PRO B 243 15.07 8.15 30.75
C PRO B 243 15.01 9.62 30.41
N LYS B 244 15.74 10.44 31.14
CA LYS B 244 15.69 11.88 30.95
C LYS B 244 17.01 12.42 30.40
N ALA B 245 17.79 11.58 29.70
CA ALA B 245 19.05 12.00 29.09
C ALA B 245 18.81 13.15 28.13
N GLU B 246 19.78 14.03 28.06
CA GLU B 246 19.70 15.19 27.19
C GLU B 246 20.02 14.79 25.77
N SER B 247 19.43 15.50 24.82
CA SER B 247 19.64 15.29 23.39
C SER B 247 21.09 15.45 23.03
N ARG B 248 21.51 14.70 22.02
CA ARG B 248 22.88 14.69 21.55
C ARG B 248 22.89 14.89 20.04
N ARG B 249 22.47 16.08 19.57
CA ARG B 249 22.50 16.36 18.14
C ARG B 249 23.93 16.28 17.61
N ASP B 250 24.92 16.66 18.45
CA ASP B 250 26.33 16.60 18.09
C ASP B 250 26.77 15.17 17.69
N VAL B 251 26.15 14.14 18.28
CA VAL B 251 26.49 12.74 17.94
C VAL B 251 26.06 12.42 16.50
N LEU B 252 24.90 12.96 16.08
CA LEU B 252 24.42 12.74 14.73
C LEU B 252 25.35 13.46 13.75
N ALA B 253 25.78 14.68 14.12
CA ALA B 253 26.73 15.43 13.30
C ALA B 253 28.03 14.64 13.18
N SER B 254 28.51 14.08 14.30
CA SER B 254 29.76 13.33 14.29
C SER B 254 29.65 12.07 13.43
N ALA B 255 28.50 11.40 13.52
CA ALA B 255 28.21 10.19 12.75
C ALA B 255 28.18 10.53 11.27
N ALA B 256 27.54 11.66 10.92
CA ALA B 256 27.46 12.13 9.55
C ALA B 256 28.85 12.41 9.01
N LYS B 257 29.66 12.96 9.85
CA LYS B 257 31.01 13.25 9.37
C LYS B 257 31.80 11.98 9.15
N ILE B 258 31.69 11.06 10.09
CA ILE B 258 32.39 9.83 9.95
C ILE B 258 32.04 9.10 8.64
N VAL B 259 30.76 9.03 8.31
CA VAL B 259 30.33 8.25 7.18
C VAL B 259 30.51 8.95 5.86
N THR B 260 30.64 10.26 5.89
CA THR B 260 30.84 10.99 4.66
C THR B 260 32.29 11.37 4.39
N ASP B 261 33.12 11.13 5.38
CA ASP B 261 34.57 11.37 5.43
C ASP B 261 34.93 12.86 5.55
#